data_3VCZ
#
_entry.id   3VCZ
#
_cell.length_a   71.877
_cell.length_b   86.580
_cell.length_c   68.162
_cell.angle_alpha   90.00
_cell.angle_beta   90.67
_cell.angle_gamma   90.00
#
_symmetry.space_group_name_H-M   'C 1 2 1'
#
loop_
_entity.id
_entity.type
_entity.pdbx_description
1 polymer 'Endoribonuclease L-PSP'
2 non-polymer GLYCEROL
3 non-polymer 'CALCIUM ION'
4 non-polymer 'MAGNESIUM ION'
5 water water
#
_entity_poly.entity_id   1
_entity_poly.type   'polypeptide(L)'
_entity_poly.pdbx_seq_one_letter_code
;MHHHHHHSSGVDLGTENLYFQSNAMTKVLHTDSAPAAIGPYIQGVDLGNMVLTSGQIPVNPATGEVPADIAAQARQSLDN
VKAVVEASGLTVGDIVKMTVFVKDLNDFGTVNEVYGNFFDEHNVAHYPARSCVEVARLPKDVGIEIEAIAVRK
;
_entity_poly.pdbx_strand_id   A,B,C
#
loop_
_chem_comp.id
_chem_comp.type
_chem_comp.name
_chem_comp.formula
CA non-polymer 'CALCIUM ION' 'Ca 2'
GOL non-polymer GLYCEROL 'C3 H8 O3'
MG non-polymer 'MAGNESIUM ION' 'Mg 2'
#
# COMPACT_ATOMS: atom_id res chain seq x y z
N THR A 26 20.99 0.63 3.60
CA THR A 26 19.99 1.25 2.69
C THR A 26 20.66 2.35 1.87
N LYS A 27 20.15 2.56 0.66
N LYS A 27 20.16 2.58 0.66
CA LYS A 27 20.68 3.56 -0.27
CA LYS A 27 20.70 3.60 -0.23
C LYS A 27 19.57 4.37 -0.95
C LYS A 27 19.60 4.38 -0.94
N VAL A 28 19.77 5.69 -1.03
CA VAL A 28 18.82 6.58 -1.67
C VAL A 28 18.96 6.49 -3.19
N LEU A 29 17.83 6.39 -3.89
CA LEU A 29 17.85 6.32 -5.34
C LEU A 29 17.49 7.67 -5.92
N HIS A 30 18.28 8.10 -6.91
CA HIS A 30 18.03 9.37 -7.58
C HIS A 30 18.35 9.26 -9.06
N THR A 31 17.48 9.85 -9.86
CA THR A 31 17.63 9.85 -11.30
C THR A 31 16.93 11.06 -11.92
N ASP A 32 17.57 11.65 -12.92
CA ASP A 32 17.02 12.79 -13.62
C ASP A 32 15.94 12.33 -14.60
N SER A 33 15.79 11.00 -14.73
CA SER A 33 14.78 10.43 -15.63
C SER A 33 13.43 10.18 -14.96
N ALA A 34 13.29 10.62 -13.71
CA ALA A 34 12.05 10.50 -12.95
C ALA A 34 11.83 11.91 -12.39
N PRO A 35 10.57 12.29 -12.13
CA PRO A 35 10.28 13.62 -11.60
C PRO A 35 11.08 13.94 -10.34
N ALA A 36 11.56 15.17 -10.26
CA ALA A 36 12.35 15.62 -9.12
C ALA A 36 11.57 15.54 -7.82
N ALA A 37 12.24 15.09 -6.77
CA ALA A 37 11.62 14.99 -5.47
C ALA A 37 11.58 16.40 -4.91
N ILE A 38 10.43 17.06 -5.04
CA ILE A 38 10.25 18.41 -4.55
C ILE A 38 9.38 18.33 -3.29
N GLY A 39 10.00 17.92 -2.20
CA GLY A 39 9.30 17.80 -0.93
C GLY A 39 10.07 16.87 -0.02
N PRO A 40 9.45 16.53 1.12
CA PRO A 40 10.08 15.67 2.12
C PRO A 40 10.00 14.16 1.79
N TYR A 41 10.63 13.76 0.69
CA TYR A 41 10.67 12.36 0.28
C TYR A 41 11.78 12.17 -0.76
N ILE A 42 12.15 10.92 -1.00
CA ILE A 42 13.17 10.55 -1.98
C ILE A 42 12.42 9.77 -3.07
N GLN A 43 13.00 9.67 -4.26
CA GLN A 43 12.36 8.96 -5.37
C GLN A 43 12.18 7.47 -5.11
N GLY A 44 13.15 6.87 -4.45
CA GLY A 44 13.08 5.46 -4.16
C GLY A 44 14.19 5.10 -3.22
N VAL A 45 14.17 3.86 -2.74
CA VAL A 45 15.18 3.38 -1.81
C VAL A 45 15.56 1.96 -2.20
N ASP A 46 16.84 1.63 -2.01
CA ASP A 46 17.37 0.31 -2.32
C ASP A 46 17.77 -0.29 -0.98
N LEU A 47 17.12 -1.39 -0.59
CA LEU A 47 17.37 -2.06 0.68
C LEU A 47 18.36 -3.21 0.56
N GLY A 48 18.90 -3.42 -0.64
CA GLY A 48 19.86 -4.50 -0.87
C GLY A 48 19.20 -5.60 -1.70
N ASN A 49 18.26 -6.30 -1.09
CA ASN A 49 17.55 -7.38 -1.77
C ASN A 49 16.22 -6.91 -2.35
N MET A 50 15.82 -5.69 -2.01
CA MET A 50 14.55 -5.16 -2.47
C MET A 50 14.64 -3.66 -2.74
N VAL A 51 13.89 -3.19 -3.73
CA VAL A 51 13.83 -1.77 -4.09
C VAL A 51 12.38 -1.34 -3.98
N LEU A 52 12.16 -0.19 -3.33
CA LEU A 52 10.83 0.36 -3.14
C LEU A 52 10.82 1.74 -3.77
N THR A 53 9.86 2.02 -4.64
CA THR A 53 9.79 3.32 -5.27
C THR A 53 8.70 4.13 -4.60
N SER A 54 8.83 5.46 -4.66
CA SER A 54 7.80 6.33 -4.13
C SER A 54 6.72 6.24 -5.21
N GLY A 55 5.52 6.72 -4.92
CA GLY A 55 4.45 6.71 -5.91
C GLY A 55 4.84 7.67 -7.02
N GLN A 56 4.78 7.21 -8.26
CA GLN A 56 5.15 8.03 -9.40
C GLN A 56 3.93 8.60 -10.13
N ILE A 57 3.87 9.91 -10.24
CA ILE A 57 2.77 10.57 -10.94
C ILE A 57 3.24 10.80 -12.39
N PRO A 58 2.30 11.01 -13.33
CA PRO A 58 2.64 11.19 -14.74
C PRO A 58 3.28 12.50 -15.18
N VAL A 59 4.26 13.00 -14.44
CA VAL A 59 4.95 14.22 -14.80
C VAL A 59 6.11 13.81 -15.70
N ASN A 60 6.25 14.51 -16.82
CA ASN A 60 7.32 14.27 -17.77
C ASN A 60 8.54 14.99 -17.19
N PRO A 61 9.58 14.25 -16.79
CA PRO A 61 10.74 14.91 -16.20
C PRO A 61 11.45 15.92 -17.11
N ALA A 62 11.32 15.76 -18.43
CA ALA A 62 11.97 16.67 -19.36
C ALA A 62 11.28 18.03 -19.47
N THR A 63 9.95 18.07 -19.26
CA THR A 63 9.21 19.31 -19.37
C THR A 63 8.51 19.75 -18.09
N GLY A 64 8.27 18.83 -17.16
CA GLY A 64 7.59 19.14 -15.91
C GLY A 64 6.07 19.21 -16.13
N GLU A 65 5.64 18.78 -17.32
CA GLU A 65 4.22 18.81 -17.65
C GLU A 65 3.60 17.42 -17.56
N VAL A 66 2.28 17.40 -17.38
CA VAL A 66 1.50 16.18 -17.30
C VAL A 66 0.65 16.10 -18.56
N PRO A 67 0.72 14.98 -19.30
CA PRO A 67 -0.09 14.85 -20.52
C PRO A 67 -1.58 14.84 -20.19
N ALA A 68 -2.41 15.34 -21.10
CA ALA A 68 -3.85 15.40 -20.87
C ALA A 68 -4.59 14.05 -20.85
N ASP A 69 -4.30 13.17 -21.80
CA ASP A 69 -5.00 11.88 -21.85
C ASP A 69 -4.47 10.83 -20.88
N ILE A 70 -5.38 10.00 -20.41
CA ILE A 70 -5.02 8.96 -19.43
C ILE A 70 -4.04 7.93 -19.98
N ALA A 71 -4.11 7.61 -21.28
CA ALA A 71 -3.17 6.63 -21.86
C ALA A 71 -1.75 7.15 -21.72
N ALA A 72 -1.55 8.41 -22.08
CA ALA A 72 -0.24 9.04 -21.98
C ALA A 72 0.22 9.11 -20.52
N GLN A 73 -0.70 9.43 -19.60
CA GLN A 73 -0.35 9.50 -18.19
C GLN A 73 0.08 8.14 -17.68
N ALA A 74 -0.66 7.10 -18.04
CA ALA A 74 -0.32 5.76 -17.61
C ALA A 74 1.09 5.38 -18.05
N ARG A 75 1.42 5.65 -19.31
N ARG A 75 1.43 5.63 -19.30
CA ARG A 75 2.74 5.31 -19.82
CA ARG A 75 2.76 5.28 -19.78
C ARG A 75 3.82 6.18 -19.15
C ARG A 75 3.83 6.18 -19.15
N GLN A 76 3.50 7.45 -18.89
CA GLN A 76 4.46 8.36 -18.26
C GLN A 76 4.77 7.86 -16.84
N SER A 77 3.75 7.49 -16.06
N SER A 77 3.73 7.47 -16.10
CA SER A 77 3.99 6.99 -14.70
CA SER A 77 3.87 6.97 -14.74
C SER A 77 4.80 5.70 -14.74
C SER A 77 4.73 5.71 -14.73
N LEU A 78 4.48 4.81 -15.67
CA LEU A 78 5.22 3.56 -15.80
C LEU A 78 6.70 3.82 -16.15
N ASP A 79 6.94 4.76 -17.06
CA ASP A 79 8.31 5.11 -17.43
C ASP A 79 9.05 5.70 -16.22
N ASN A 80 8.34 6.47 -15.40
CA ASN A 80 8.93 7.08 -14.20
C ASN A 80 9.28 5.98 -13.20
N VAL A 81 8.41 4.98 -13.05
CA VAL A 81 8.68 3.85 -12.14
C VAL A 81 9.94 3.13 -12.65
N LYS A 82 9.98 2.85 -13.94
CA LYS A 82 11.11 2.20 -14.57
C LYS A 82 12.41 2.95 -14.30
N ALA A 83 12.38 4.27 -14.42
CA ALA A 83 13.57 5.09 -14.19
C ALA A 83 14.11 4.94 -12.77
N VAL A 84 13.21 4.90 -11.78
CA VAL A 84 13.64 4.76 -10.39
C VAL A 84 14.23 3.36 -10.18
N VAL A 85 13.54 2.35 -10.71
CA VAL A 85 14.03 0.97 -10.60
C VAL A 85 15.39 0.82 -11.28
N GLU A 86 15.54 1.39 -12.47
CA GLU A 86 16.81 1.30 -13.19
C GLU A 86 17.94 2.03 -12.47
N ALA A 87 17.61 3.02 -11.65
CA ALA A 87 18.62 3.77 -10.90
C ALA A 87 19.32 2.88 -9.85
N SER A 88 18.73 1.74 -9.50
CA SER A 88 19.31 0.82 -8.53
C SER A 88 20.13 -0.26 -9.22
N GLY A 89 20.02 -0.34 -10.54
CA GLY A 89 20.74 -1.34 -11.32
C GLY A 89 19.81 -2.45 -11.79
N LEU A 90 18.59 -2.46 -11.27
CA LEU A 90 17.59 -3.47 -11.64
C LEU A 90 16.88 -3.06 -12.92
N THR A 91 15.98 -3.93 -13.40
CA THR A 91 15.24 -3.68 -14.62
C THR A 91 13.74 -3.89 -14.42
N VAL A 92 12.94 -3.54 -15.43
CA VAL A 92 11.50 -3.72 -15.36
C VAL A 92 11.13 -5.17 -14.98
N GLY A 93 11.90 -6.12 -15.50
CA GLY A 93 11.68 -7.56 -15.23
C GLY A 93 11.84 -7.97 -13.78
N ASP A 94 12.45 -7.12 -12.95
CA ASP A 94 12.67 -7.38 -11.54
C ASP A 94 11.51 -6.88 -10.66
N ILE A 95 10.57 -6.18 -11.27
CA ILE A 95 9.40 -5.65 -10.55
C ILE A 95 8.49 -6.85 -10.22
N VAL A 96 8.13 -6.98 -8.95
CA VAL A 96 7.30 -8.09 -8.51
C VAL A 96 5.90 -7.72 -7.99
N LYS A 97 5.72 -6.46 -7.63
N LYS A 97 5.71 -6.46 -7.62
CA LYS A 97 4.44 -5.97 -7.12
CA LYS A 97 4.43 -5.98 -7.11
C LYS A 97 4.30 -4.48 -7.39
C LYS A 97 4.29 -4.49 -7.35
N MET A 98 3.11 -4.07 -7.79
CA MET A 98 2.85 -2.67 -8.03
C MET A 98 1.46 -2.34 -7.54
N THR A 99 1.28 -1.11 -7.10
CA THR A 99 -0.02 -0.66 -6.65
C THR A 99 -0.36 0.48 -7.57
N VAL A 100 -1.50 0.39 -8.21
CA VAL A 100 -1.95 1.39 -9.16
C VAL A 100 -3.14 2.12 -8.57
N PHE A 101 -3.00 3.42 -8.37
CA PHE A 101 -4.07 4.25 -7.85
C PHE A 101 -4.58 5.06 -9.03
N VAL A 102 -5.89 5.04 -9.28
CA VAL A 102 -6.41 5.82 -10.40
C VAL A 102 -7.50 6.75 -9.90
N LYS A 103 -7.75 7.81 -10.67
CA LYS A 103 -8.81 8.77 -10.31
C LYS A 103 -10.17 8.32 -10.85
N ASP A 104 -10.18 7.47 -11.87
CA ASP A 104 -11.43 7.01 -12.45
C ASP A 104 -11.34 5.63 -13.08
N LEU A 105 -12.00 4.66 -12.45
CA LEU A 105 -12.00 3.28 -12.98
C LEU A 105 -12.68 3.15 -14.34
N ASN A 106 -13.42 4.15 -14.79
CA ASN A 106 -14.00 4.03 -16.12
C ASN A 106 -12.87 4.07 -17.17
N ASP A 107 -11.69 4.54 -16.78
CA ASP A 107 -10.53 4.59 -17.67
C ASP A 107 -9.70 3.33 -17.49
N PHE A 108 -10.21 2.35 -16.75
CA PHE A 108 -9.39 1.18 -16.53
C PHE A 108 -9.06 0.33 -17.75
N GLY A 109 -9.93 0.32 -18.75
CA GLY A 109 -9.64 -0.47 -19.96
C GLY A 109 -8.38 0.12 -20.61
N THR A 110 -8.33 1.44 -20.68
CA THR A 110 -7.18 2.14 -21.27
C THR A 110 -5.92 1.93 -20.43
N VAL A 111 -6.04 2.05 -19.11
CA VAL A 111 -4.89 1.86 -18.21
C VAL A 111 -4.35 0.43 -18.30
N ASN A 112 -5.22 -0.58 -18.28
N ASN A 112 -5.24 -0.54 -18.32
CA ASN A 112 -4.76 -1.98 -18.41
CA ASN A 112 -4.87 -1.93 -18.38
C ASN A 112 -4.08 -2.21 -19.73
C ASN A 112 -4.15 -2.23 -19.70
N GLU A 113 -4.62 -1.59 -20.78
CA GLU A 113 -4.05 -1.74 -22.12
C GLU A 113 -2.61 -1.23 -22.13
N VAL A 114 -2.42 -0.01 -21.63
CA VAL A 114 -1.09 0.59 -21.58
C VAL A 114 -0.17 -0.20 -20.64
N TYR A 115 -0.70 -0.62 -19.51
CA TYR A 115 0.05 -1.36 -18.49
C TYR A 115 0.58 -2.68 -19.06
N GLY A 116 -0.30 -3.45 -19.69
CA GLY A 116 0.09 -4.73 -20.29
C GLY A 116 1.08 -4.51 -21.42
N ASN A 117 0.81 -3.50 -22.26
CA ASN A 117 1.71 -3.20 -23.38
C ASN A 117 3.12 -2.88 -22.90
N PHE A 118 3.20 -2.11 -21.82
CA PHE A 118 4.47 -1.73 -21.22
C PHE A 118 5.29 -2.96 -20.80
N PHE A 119 4.69 -3.86 -20.04
CA PHE A 119 5.42 -5.07 -19.62
C PHE A 119 5.73 -5.98 -20.80
N ASP A 120 4.81 -6.08 -21.75
CA ASP A 120 5.03 -6.92 -22.93
C ASP A 120 6.25 -6.40 -23.71
N GLU A 121 6.32 -5.08 -23.90
CA GLU A 121 7.43 -4.44 -24.63
C GLU A 121 8.77 -4.64 -23.92
N HIS A 122 8.73 -4.85 -22.61
CA HIS A 122 9.94 -5.09 -21.82
C HIS A 122 10.32 -6.57 -21.77
N ASN A 123 9.55 -7.41 -22.48
CA ASN A 123 9.80 -8.84 -22.58
C ASN A 123 9.97 -9.52 -21.23
N VAL A 124 9.12 -9.14 -20.27
CA VAL A 124 9.20 -9.72 -18.93
C VAL A 124 8.75 -11.18 -18.96
N ALA A 125 9.33 -12.00 -18.07
CA ALA A 125 8.98 -13.41 -17.97
C ALA A 125 7.54 -13.58 -17.50
N HIS A 126 7.08 -12.64 -16.68
CA HIS A 126 5.73 -12.66 -16.16
C HIS A 126 5.35 -11.31 -15.62
N TYR A 127 4.05 -11.04 -15.55
CA TYR A 127 3.60 -9.77 -15.03
C TYR A 127 3.74 -9.81 -13.52
N PRO A 128 3.91 -8.64 -12.89
CA PRO A 128 4.03 -8.68 -11.45
C PRO A 128 2.66 -8.79 -10.77
N ALA A 129 2.66 -8.95 -9.45
CA ALA A 129 1.43 -8.99 -8.69
C ALA A 129 0.98 -7.53 -8.69
N ARG A 130 -0.31 -7.29 -8.48
N ARG A 130 -0.29 -7.26 -8.44
CA ARG A 130 -0.81 -5.92 -8.51
CA ARG A 130 -0.75 -5.87 -8.40
C ARG A 130 -2.11 -5.69 -7.74
C ARG A 130 -2.06 -5.69 -7.67
N SER A 131 -2.35 -4.44 -7.36
CA SER A 131 -3.57 -4.03 -6.67
C SER A 131 -3.93 -2.74 -7.42
N CYS A 132 -5.22 -2.57 -7.72
N CYS A 132 -5.21 -2.55 -7.74
CA CYS A 132 -5.72 -1.40 -8.43
CA CYS A 132 -5.66 -1.35 -8.44
C CYS A 132 -6.96 -0.88 -7.73
C CYS A 132 -6.94 -0.87 -7.77
N VAL A 133 -6.97 0.40 -7.38
CA VAL A 133 -8.12 0.98 -6.72
C VAL A 133 -8.34 2.40 -7.19
N GLU A 134 -9.58 2.86 -7.11
CA GLU A 134 -9.88 4.22 -7.50
C GLU A 134 -9.87 5.09 -6.23
N VAL A 135 -9.04 6.13 -6.25
CA VAL A 135 -8.93 7.06 -5.11
C VAL A 135 -9.75 8.31 -5.40
N ALA A 136 -9.89 9.17 -4.38
CA ALA A 136 -10.66 10.40 -4.54
C ALA A 136 -9.85 11.51 -5.21
N ARG A 137 -8.54 11.51 -5.04
CA ARG A 137 -7.71 12.54 -5.66
C ARG A 137 -6.25 12.14 -5.55
N LEU A 138 -5.44 12.63 -6.48
CA LEU A 138 -4.00 12.35 -6.53
C LEU A 138 -3.24 13.68 -6.61
N PRO A 139 -1.95 13.68 -6.24
CA PRO A 139 -1.18 14.92 -6.30
C PRO A 139 -1.25 15.56 -7.70
N LYS A 140 -1.32 16.89 -7.74
CA LYS A 140 -1.42 17.65 -8.98
C LYS A 140 -2.64 17.29 -9.83
N ASP A 141 -3.64 16.67 -9.21
CA ASP A 141 -4.86 16.26 -9.90
C ASP A 141 -4.61 15.33 -11.09
N VAL A 142 -3.61 14.47 -10.96
CA VAL A 142 -3.29 13.52 -12.03
C VAL A 142 -4.32 12.39 -12.01
N GLY A 143 -4.35 11.60 -13.07
CA GLY A 143 -5.30 10.49 -13.16
C GLY A 143 -4.78 9.14 -12.74
N ILE A 144 -3.49 9.06 -12.43
CA ILE A 144 -2.88 7.79 -12.03
C ILE A 144 -1.58 8.02 -11.27
N GLU A 145 -1.29 7.09 -10.35
CA GLU A 145 -0.07 7.13 -9.55
C GLU A 145 0.27 5.67 -9.31
N ILE A 146 1.53 5.31 -9.50
CA ILE A 146 1.96 3.94 -9.35
C ILE A 146 3.22 3.80 -8.53
N GLU A 147 3.21 2.85 -7.60
N GLU A 147 3.22 2.85 -7.60
CA GLU A 147 4.34 2.55 -6.73
CA GLU A 147 4.39 2.59 -6.78
C GLU A 147 4.71 1.10 -6.98
C GLU A 147 4.74 1.14 -7.07
N ALA A 148 6.01 0.78 -6.92
CA ALA A 148 6.43 -0.57 -7.18
C ALA A 148 7.49 -1.09 -6.23
N ILE A 149 7.57 -2.41 -6.19
CA ILE A 149 8.55 -3.14 -5.39
C ILE A 149 9.29 -4.01 -6.39
N ALA A 150 10.63 -3.99 -6.32
CA ALA A 150 11.45 -4.79 -7.22
C ALA A 150 12.41 -5.58 -6.36
N VAL A 151 12.88 -6.71 -6.85
CA VAL A 151 13.81 -7.52 -6.07
C VAL A 151 15.07 -7.84 -6.86
N ARG A 152 16.18 -7.93 -6.14
CA ARG A 152 17.48 -8.23 -6.74
C ARG A 152 17.86 -9.67 -6.44
N THR B 26 8.91 -14.33 13.37
CA THR B 26 8.31 -12.96 13.37
C THR B 26 7.82 -12.62 14.77
N LYS B 27 7.91 -11.34 15.14
CA LYS B 27 7.47 -10.89 16.47
C LYS B 27 6.39 -9.81 16.42
N VAL B 28 5.48 -9.90 17.36
CA VAL B 28 4.40 -8.94 17.48
C VAL B 28 4.94 -7.73 18.20
N LEU B 29 4.61 -6.55 17.72
CA LEU B 29 5.06 -5.32 18.35
C LEU B 29 3.92 -4.71 19.13
N HIS B 30 4.20 -4.27 20.35
CA HIS B 30 3.21 -3.63 21.18
C HIS B 30 3.84 -2.54 22.03
N THR B 31 3.12 -1.44 22.15
CA THR B 31 3.58 -0.29 22.92
C THR B 31 2.37 0.51 23.40
N ASP B 32 2.45 1.00 24.63
CA ASP B 32 1.38 1.81 25.19
C ASP B 32 1.42 3.22 24.60
N SER B 33 2.47 3.53 23.83
CA SER B 33 2.64 4.83 23.18
C SER B 33 1.95 4.95 21.82
N ALA B 34 1.21 3.90 21.44
CA ALA B 34 0.45 3.90 20.19
C ALA B 34 -0.94 3.44 20.61
N PRO B 35 -1.98 3.82 19.86
CA PRO B 35 -3.32 3.40 20.25
C PRO B 35 -3.48 1.90 20.36
N ALA B 36 -4.14 1.46 21.43
CA ALA B 36 -4.36 0.05 21.68
C ALA B 36 -5.09 -0.59 20.50
N ALA B 37 -4.74 -1.84 20.19
CA ALA B 37 -5.38 -2.55 19.10
C ALA B 37 -6.71 -3.07 19.64
N ILE B 38 -7.80 -2.38 19.31
CA ILE B 38 -9.14 -2.76 19.76
C ILE B 38 -9.95 -3.45 18.66
N GLY B 39 -9.23 -4.17 17.80
CA GLY B 39 -9.83 -4.90 16.69
C GLY B 39 -8.95 -6.08 16.37
N PRO B 40 -9.29 -6.82 15.31
CA PRO B 40 -8.50 -7.97 14.91
C PRO B 40 -7.22 -7.60 14.17
N TYR B 41 -6.29 -6.96 14.88
CA TYR B 41 -5.01 -6.56 14.30
C TYR B 41 -4.01 -6.27 15.41
N ILE B 42 -2.74 -6.22 15.03
CA ILE B 42 -1.64 -5.92 15.95
C ILE B 42 -1.09 -4.57 15.49
N GLN B 43 -0.45 -3.84 16.40
CA GLN B 43 0.10 -2.52 16.07
C GLN B 43 1.15 -2.56 14.97
N GLY B 44 1.98 -3.59 14.97
CA GLY B 44 3.01 -3.73 13.97
C GLY B 44 3.66 -5.08 14.10
N VAL B 45 4.55 -5.40 13.16
CA VAL B 45 5.23 -6.68 13.17
C VAL B 45 6.72 -6.52 12.81
N ASP B 46 7.57 -7.27 13.48
CA ASP B 46 9.01 -7.21 13.26
C ASP B 46 9.39 -8.52 12.57
N LEU B 47 9.86 -8.43 11.34
CA LEU B 47 10.25 -9.59 10.55
C LEU B 47 11.74 -9.91 10.65
N GLY B 48 12.45 -9.22 11.52
CA GLY B 48 13.89 -9.45 11.68
C GLY B 48 14.67 -8.37 10.93
N ASN B 49 14.54 -8.37 9.61
CA ASN B 49 15.23 -7.39 8.77
C ASN B 49 14.37 -6.18 8.46
N MET B 50 13.06 -6.36 8.58
CA MET B 50 12.11 -5.31 8.28
C MET B 50 11.01 -5.24 9.32
N VAL B 51 10.48 -4.05 9.52
CA VAL B 51 9.41 -3.79 10.47
C VAL B 51 8.29 -3.14 9.68
N LEU B 52 7.07 -3.65 9.88
CA LEU B 52 5.89 -3.14 9.19
C LEU B 52 4.89 -2.66 10.23
N THR B 53 4.41 -1.43 10.10
CA THR B 53 3.44 -0.94 11.06
C THR B 53 2.05 -1.01 10.44
N SER B 54 1.05 -1.08 11.31
CA SER B 54 -0.32 -1.05 10.85
C SER B 54 -0.52 0.42 10.53
N GLY B 55 -1.58 0.75 9.80
CA GLY B 55 -1.88 2.13 9.46
C GLY B 55 -2.25 2.84 10.76
N GLN B 56 -1.56 3.92 11.07
CA GLN B 56 -1.81 4.65 12.29
C GLN B 56 -2.70 5.87 12.07
N ILE B 57 -3.78 5.93 12.85
CA ILE B 57 -4.72 7.05 12.77
C ILE B 57 -4.37 8.00 13.91
N PRO B 58 -4.82 9.26 13.83
CA PRO B 58 -4.49 10.27 14.84
C PRO B 58 -5.20 10.22 16.20
N VAL B 59 -5.23 9.05 16.80
CA VAL B 59 -5.85 8.87 18.10
C VAL B 59 -4.75 9.05 19.16
N ASN B 60 -5.05 9.82 20.20
CA ASN B 60 -4.11 10.02 21.28
C ASN B 60 -4.20 8.72 22.08
N PRO B 61 -3.09 7.96 22.17
CA PRO B 61 -3.12 6.68 22.90
C PRO B 61 -3.50 6.74 24.36
N ALA B 62 -3.29 7.89 25.00
CA ALA B 62 -3.61 8.06 26.40
C ALA B 62 -5.07 8.46 26.65
N THR B 63 -5.68 9.16 25.70
CA THR B 63 -7.05 9.59 25.89
C THR B 63 -8.07 8.95 24.96
N GLY B 64 -7.62 8.43 23.82
CA GLY B 64 -8.51 7.82 22.86
C GLY B 64 -9.21 8.87 22.01
N GLU B 65 -8.83 10.15 22.19
CA GLU B 65 -9.43 11.24 21.43
C GLU B 65 -8.60 11.63 20.21
N VAL B 66 -9.27 12.25 19.23
CA VAL B 66 -8.63 12.69 17.99
C VAL B 66 -8.67 14.22 17.97
N PRO B 67 -7.49 14.86 17.75
CA PRO B 67 -7.48 16.32 17.70
C PRO B 67 -8.29 16.81 16.51
N ALA B 68 -8.94 17.96 16.66
CA ALA B 68 -9.79 18.52 15.60
C ALA B 68 -9.13 18.97 14.30
N ASP B 69 -7.95 19.59 14.37
CA ASP B 69 -7.27 20.09 13.15
C ASP B 69 -6.29 19.12 12.50
N ILE B 70 -6.07 19.27 11.19
CA ILE B 70 -5.20 18.38 10.44
C ILE B 70 -3.73 18.44 10.84
N ALA B 71 -3.24 19.62 11.23
CA ALA B 71 -1.83 19.72 11.63
C ALA B 71 -1.62 18.85 12.86
N ALA B 72 -2.53 18.95 13.83
CA ALA B 72 -2.44 18.15 15.06
C ALA B 72 -2.63 16.66 14.73
N GLN B 73 -3.54 16.35 13.81
CA GLN B 73 -3.75 14.95 13.42
C GLN B 73 -2.52 14.37 12.73
N ALA B 74 -1.90 15.13 11.83
CA ALA B 74 -0.70 14.65 11.14
C ALA B 74 0.37 14.33 12.20
N ARG B 75 0.50 15.23 13.18
CA ARG B 75 1.45 15.06 14.30
C ARG B 75 1.19 13.81 15.11
N GLN B 76 -0.07 13.61 15.49
CA GLN B 76 -0.43 12.43 16.27
C GLN B 76 -0.19 11.12 15.51
N SER B 77 -0.56 11.06 14.23
N SER B 77 -0.55 11.09 14.22
CA SER B 77 -0.33 9.83 13.44
CA SER B 77 -0.36 9.91 13.39
C SER B 77 1.17 9.54 13.35
C SER B 77 1.13 9.56 13.31
N LEU B 78 1.96 10.58 13.07
CA LEU B 78 3.41 10.40 12.98
C LEU B 78 3.98 9.90 14.31
N ASP B 79 3.51 10.48 15.43
CA ASP B 79 3.97 10.05 16.75
C ASP B 79 3.60 8.58 16.96
N ASN B 80 2.41 8.20 16.50
CA ASN B 80 1.96 6.81 16.64
C ASN B 80 2.85 5.86 15.83
N VAL B 81 3.19 6.24 14.60
CA VAL B 81 4.08 5.44 13.77
C VAL B 81 5.42 5.32 14.47
N LYS B 82 5.93 6.45 14.98
CA LYS B 82 7.21 6.47 15.69
C LYS B 82 7.19 5.48 16.85
N ALA B 83 6.11 5.49 17.63
CA ALA B 83 5.98 4.58 18.77
C ALA B 83 6.10 3.11 18.38
N VAL B 84 5.41 2.73 17.30
CA VAL B 84 5.42 1.35 16.84
C VAL B 84 6.82 0.97 16.36
N VAL B 85 7.46 1.82 15.57
CA VAL B 85 8.81 1.53 15.08
C VAL B 85 9.76 1.42 16.26
N GLU B 86 9.66 2.34 17.21
CA GLU B 86 10.53 2.31 18.38
C GLU B 86 10.34 1.04 19.23
N ALA B 87 9.13 0.47 19.18
CA ALA B 87 8.84 -0.75 19.92
C ALA B 87 9.73 -1.90 19.45
N SER B 88 10.21 -1.83 18.20
CA SER B 88 11.07 -2.89 17.67
C SER B 88 12.54 -2.67 17.99
N GLY B 89 12.88 -1.48 18.49
CA GLY B 89 14.25 -1.14 18.81
C GLY B 89 14.83 -0.22 17.74
N LEU B 90 14.09 -0.01 16.66
CA LEU B 90 14.54 0.86 15.58
C LEU B 90 14.16 2.32 15.87
N THR B 91 14.56 3.24 15.01
CA THR B 91 14.26 4.67 15.19
C THR B 91 13.58 5.26 13.96
N VAL B 92 13.18 6.53 14.06
CA VAL B 92 12.52 7.22 12.94
C VAL B 92 13.44 7.22 11.70
N GLY B 93 14.75 7.29 11.94
CA GLY B 93 15.75 7.29 10.88
C GLY B 93 15.85 5.97 10.14
N ASP B 94 15.24 4.91 10.67
CA ASP B 94 15.25 3.58 10.04
C ASP B 94 14.04 3.38 9.11
N ILE B 95 13.15 4.37 9.07
CA ILE B 95 11.97 4.29 8.21
C ILE B 95 12.43 4.51 6.77
N VAL B 96 12.05 3.60 5.88
CA VAL B 96 12.43 3.66 4.46
C VAL B 96 11.29 4.01 3.50
N LYS B 97 10.06 3.69 3.91
N LYS B 97 10.06 3.71 3.90
CA LYS B 97 8.87 3.92 3.09
CA LYS B 97 8.89 4.01 3.08
C LYS B 97 7.65 4.21 3.96
C LYS B 97 7.68 4.25 3.96
N MET B 98 6.85 5.19 3.54
CA MET B 98 5.65 5.58 4.26
C MET B 98 4.54 5.73 3.22
N THR B 99 3.32 5.34 3.57
CA THR B 99 2.17 5.53 2.67
C THR B 99 1.28 6.41 3.52
N VAL B 100 0.90 7.56 2.96
CA VAL B 100 0.08 8.52 3.64
C VAL B 100 -1.26 8.64 2.95
N PHE B 101 -2.31 8.23 3.64
CA PHE B 101 -3.67 8.31 3.11
C PHE B 101 -4.30 9.51 3.77
N VAL B 102 -4.79 10.47 2.99
CA VAL B 102 -5.41 11.63 3.58
C VAL B 102 -6.82 11.81 3.10
N LYS B 103 -7.59 12.54 3.88
CA LYS B 103 -8.97 12.83 3.55
C LYS B 103 -9.08 13.97 2.56
N ASP B 104 -8.09 14.87 2.57
N ASP B 104 -8.08 14.85 2.49
CA ASP B 104 -8.06 16.04 1.70
CA ASP B 104 -8.22 15.96 1.57
C ASP B 104 -6.69 16.45 1.22
C ASP B 104 -6.90 16.51 1.04
N LEU B 105 -6.50 16.45 -0.10
N LEU B 105 -6.55 16.12 -0.19
CA LEU B 105 -5.22 16.89 -0.64
CA LEU B 105 -5.34 16.62 -0.85
C LEU B 105 -5.14 18.41 -0.56
C LEU B 105 -5.75 17.99 -1.37
N ASN B 106 -6.26 19.06 -0.24
N ASN B 106 -5.59 18.94 -0.47
CA ASN B 106 -6.22 20.52 -0.10
CA ASN B 106 -5.91 20.36 -0.63
C ASN B 106 -5.45 20.89 1.17
C ASN B 106 -5.26 20.98 0.58
N ASP B 107 -5.35 19.97 2.13
N ASP B 107 -5.27 20.18 1.64
CA ASP B 107 -4.61 20.23 3.34
CA ASP B 107 -4.69 20.55 2.93
C ASP B 107 -3.24 19.66 3.09
C ASP B 107 -3.30 19.92 2.98
N PHE B 108 -2.87 19.38 1.85
CA PHE B 108 -1.59 18.77 1.69
C PHE B 108 -0.47 19.71 2.05
N GLY B 109 -0.67 21.02 1.91
CA GLY B 109 0.38 21.98 2.28
C GLY B 109 0.67 21.83 3.76
N THR B 110 -0.38 21.79 4.58
CA THR B 110 -0.23 21.64 6.02
C THR B 110 0.35 20.28 6.40
N VAL B 111 -0.16 19.22 5.79
CA VAL B 111 0.33 17.86 6.06
C VAL B 111 1.78 17.71 5.65
N ASN B 112 2.13 18.25 4.48
N ASN B 112 2.16 18.22 4.46
CA ASN B 112 3.47 18.14 3.96
CA ASN B 112 3.57 18.15 4.02
C ASN B 112 4.46 18.90 4.89
C ASN B 112 4.48 18.89 4.97
N GLU B 113 4.02 20.05 5.41
CA GLU B 113 4.84 20.87 6.33
C GLU B 113 5.12 20.09 7.60
N VAL B 114 4.07 19.56 8.21
CA VAL B 114 4.20 18.79 9.45
C VAL B 114 5.06 17.54 9.23
N TYR B 115 4.81 16.84 8.12
CA TYR B 115 5.54 15.62 7.77
C TYR B 115 7.05 15.91 7.69
N GLY B 116 7.41 16.91 6.88
CA GLY B 116 8.82 17.30 6.72
C GLY B 116 9.42 17.73 8.04
N ASN B 117 8.68 18.54 8.79
CA ASN B 117 9.15 19.01 10.11
C ASN B 117 9.45 17.86 11.07
N PHE B 118 8.54 16.89 11.12
CA PHE B 118 8.69 15.73 11.98
C PHE B 118 9.99 15.02 11.69
N PHE B 119 10.27 14.73 10.41
CA PHE B 119 11.53 14.06 10.06
C PHE B 119 12.74 14.94 10.36
N ASP B 120 12.63 16.25 10.10
CA ASP B 120 13.73 17.18 10.38
C ASP B 120 14.06 17.21 11.88
N GLU B 121 13.04 17.11 12.72
CA GLU B 121 13.20 17.13 14.18
C GLU B 121 13.94 15.90 14.69
N HIS B 122 13.87 14.83 13.91
CA HIS B 122 14.54 13.57 14.26
C HIS B 122 15.92 13.42 13.61
N ASN B 123 16.38 14.50 12.97
N ASN B 123 16.36 14.50 12.96
CA ASN B 123 17.68 14.54 12.31
CA ASN B 123 17.66 14.58 12.30
C ASN B 123 18.00 13.33 11.45
C ASN B 123 18.00 13.36 11.44
N VAL B 124 17.08 12.97 10.56
CA VAL B 124 17.27 11.82 9.67
C VAL B 124 18.26 12.19 8.56
N ALA B 125 19.01 11.21 8.06
CA ALA B 125 19.97 11.46 6.98
C ALA B 125 19.24 11.80 5.68
N HIS B 126 18.09 11.17 5.47
N HIS B 126 18.11 11.15 5.46
CA HIS B 126 17.29 11.39 4.29
CA HIS B 126 17.30 11.38 4.27
C HIS B 126 15.83 11.07 4.59
C HIS B 126 15.83 11.07 4.59
N TYR B 127 14.92 11.65 3.81
CA TYR B 127 13.51 11.40 4.03
C TYR B 127 13.21 10.03 3.42
N PRO B 128 12.15 9.37 3.89
CA PRO B 128 11.84 8.06 3.29
C PRO B 128 11.15 8.17 1.93
N ALA B 129 10.98 7.03 1.27
CA ALA B 129 10.26 6.98 0.01
C ALA B 129 8.83 7.20 0.48
N ARG B 130 7.94 7.65 -0.40
CA ARG B 130 6.57 7.89 0.03
C ARG B 130 5.54 7.87 -1.10
N SER B 131 4.30 7.57 -0.73
CA SER B 131 3.16 7.61 -1.65
C SER B 131 2.10 8.35 -0.86
N CYS B 132 1.40 9.26 -1.54
N CYS B 132 1.39 9.28 -1.49
CA CYS B 132 0.36 10.06 -0.94
CA CYS B 132 0.35 10.03 -0.80
C CYS B 132 -0.87 10.07 -1.81
C CYS B 132 -0.86 10.15 -1.73
N VAL B 133 -2.02 9.71 -1.24
CA VAL B 133 -3.25 9.72 -2.01
C VAL B 133 -4.41 10.15 -1.14
N GLU B 134 -5.42 10.74 -1.76
CA GLU B 134 -6.61 11.14 -1.03
C GLU B 134 -7.60 9.99 -1.15
N VAL B 135 -8.06 9.49 -0.01
CA VAL B 135 -9.03 8.40 0.02
C VAL B 135 -10.45 8.97 0.19
N ALA B 136 -11.45 8.11 0.09
CA ALA B 136 -12.84 8.52 0.22
C ALA B 136 -13.27 8.72 1.67
N ARG B 137 -12.67 7.95 2.59
CA ARG B 137 -13.00 8.05 4.02
C ARG B 137 -11.99 7.20 4.78
N LEU B 138 -11.80 7.49 6.06
CA LEU B 138 -10.87 6.75 6.92
C LEU B 138 -11.57 6.29 8.21
N PRO B 139 -11.00 5.27 8.88
CA PRO B 139 -11.61 4.82 10.12
C PRO B 139 -11.80 5.98 11.11
N LYS B 140 -12.93 5.98 11.82
CA LYS B 140 -13.27 7.01 12.80
C LYS B 140 -13.36 8.42 12.20
N ASP B 141 -13.53 8.51 10.88
CA ASP B 141 -13.63 9.79 10.19
C ASP B 141 -12.43 10.72 10.41
N VAL B 142 -11.26 10.12 10.59
CA VAL B 142 -10.04 10.88 10.78
C VAL B 142 -9.59 11.48 9.44
N GLY B 143 -8.68 12.44 9.49
CA GLY B 143 -8.17 13.07 8.28
C GLY B 143 -6.91 12.49 7.69
N ILE B 144 -6.30 11.52 8.36
CA ILE B 144 -5.07 10.94 7.87
C ILE B 144 -4.80 9.60 8.53
N GLU B 145 -4.11 8.72 7.81
CA GLU B 145 -3.71 7.39 8.26
C GLU B 145 -2.35 7.14 7.61
N ILE B 146 -1.37 6.70 8.39
CA ILE B 146 -0.04 6.49 7.87
C ILE B 146 0.54 5.13 8.24
N GLU B 147 1.08 4.40 7.26
CA GLU B 147 1.68 3.10 7.51
C GLU B 147 3.15 3.26 7.12
N ALA B 148 4.04 2.53 7.79
CA ALA B 148 5.45 2.64 7.49
C ALA B 148 6.19 1.32 7.46
N ILE B 149 7.31 1.35 6.75
CA ILE B 149 8.20 0.21 6.61
C ILE B 149 9.54 0.71 7.12
N ALA B 150 10.17 -0.03 8.02
CA ALA B 150 11.46 0.34 8.55
C ALA B 150 12.35 -0.86 8.40
N VAL B 151 13.66 -0.63 8.33
CA VAL B 151 14.61 -1.73 8.17
C VAL B 151 15.71 -1.66 9.21
N ARG B 152 16.21 -2.83 9.59
CA ARG B 152 17.27 -2.97 10.57
C ARG B 152 18.59 -3.33 9.89
N THR C 26 12.49 -15.94 -7.41
CA THR C 26 11.08 -15.48 -7.61
C THR C 26 10.24 -16.54 -8.32
N LYS C 27 9.05 -16.81 -7.79
CA LYS C 27 8.16 -17.80 -8.38
C LYS C 27 6.75 -17.23 -8.52
N VAL C 28 6.11 -17.51 -9.63
CA VAL C 28 4.75 -17.06 -9.87
C VAL C 28 3.86 -18.04 -9.12
N LEU C 29 2.85 -17.51 -8.44
CA LEU C 29 1.92 -18.34 -7.71
C LEU C 29 0.64 -18.41 -8.52
N HIS C 30 0.11 -19.62 -8.66
CA HIS C 30 -1.13 -19.82 -9.39
C HIS C 30 -1.95 -20.92 -8.73
N THR C 31 -3.24 -20.68 -8.63
CA THR C 31 -4.16 -21.62 -8.02
C THR C 31 -5.56 -21.46 -8.59
N ASP C 32 -6.25 -22.58 -8.77
CA ASP C 32 -7.62 -22.55 -9.29
C ASP C 32 -8.59 -22.16 -8.17
N SER C 33 -8.09 -22.06 -6.93
CA SER C 33 -8.91 -21.70 -5.76
C SER C 33 -9.02 -20.19 -5.55
N ALA C 34 -8.42 -19.41 -6.44
CA ALA C 34 -8.47 -17.95 -6.38
C ALA C 34 -8.90 -17.53 -7.78
N PRO C 35 -9.58 -16.38 -7.91
CA PRO C 35 -10.02 -15.93 -9.23
C PRO C 35 -8.89 -15.91 -10.25
N ALA C 36 -9.18 -16.37 -11.46
CA ALA C 36 -8.20 -16.41 -12.53
C ALA C 36 -7.66 -15.02 -12.85
N ALA C 37 -6.37 -14.94 -13.12
CA ALA C 37 -5.75 -13.67 -13.47
C ALA C 37 -6.13 -13.34 -14.91
N ILE C 38 -7.18 -12.53 -15.08
CA ILE C 38 -7.62 -12.14 -16.42
C ILE C 38 -7.09 -10.75 -16.69
N GLY C 39 -5.81 -10.69 -17.03
CA GLY C 39 -5.17 -9.42 -17.32
C GLY C 39 -3.68 -9.47 -17.10
N PRO C 40 -3.01 -8.31 -17.20
CA PRO C 40 -1.58 -8.21 -17.05
C PRO C 40 -1.10 -8.25 -15.60
N TYR C 41 -1.38 -9.36 -14.90
CA TYR C 41 -0.95 -9.53 -13.53
C TYR C 41 -1.03 -11.01 -13.18
N ILE C 42 -0.32 -11.38 -12.12
CA ILE C 42 -0.30 -12.74 -11.61
C ILE C 42 -1.02 -12.66 -10.25
N GLN C 43 -1.55 -13.78 -9.80
CA GLN C 43 -2.25 -13.86 -8.53
C GLN C 43 -1.40 -13.51 -7.31
N GLY C 44 -0.14 -13.92 -7.34
CA GLY C 44 0.78 -13.65 -6.24
C GLY C 44 2.18 -14.04 -6.63
N VAL C 45 3.15 -13.65 -5.83
CA VAL C 45 4.55 -13.97 -6.10
C VAL C 45 5.25 -14.42 -4.82
N ASP C 46 6.14 -15.40 -4.96
CA ASP C 46 6.89 -15.93 -3.83
C ASP C 46 8.33 -15.45 -4.03
N LEU C 47 8.81 -14.65 -3.09
CA LEU C 47 10.15 -14.09 -3.15
C LEU C 47 11.18 -14.91 -2.38
N GLY C 48 10.75 -16.05 -1.82
CA GLY C 48 11.64 -16.93 -1.04
C GLY C 48 11.36 -16.80 0.44
N ASN C 49 11.58 -15.60 0.97
CA ASN C 49 11.36 -15.30 2.38
C ASN C 49 10.02 -14.60 2.62
N MET C 50 9.44 -14.08 1.55
CA MET C 50 8.19 -13.35 1.61
C MET C 50 7.31 -13.66 0.40
N VAL C 51 6.00 -13.62 0.62
CA VAL C 51 4.99 -13.86 -0.40
C VAL C 51 4.09 -12.63 -0.45
N LEU C 52 3.84 -12.15 -1.65
CA LEU C 52 3.00 -10.97 -1.85
C LEU C 52 1.84 -11.39 -2.74
N THR C 53 0.62 -11.03 -2.36
CA THR C 53 -0.52 -11.39 -3.17
C THR C 53 -1.02 -10.14 -3.87
N SER C 54 -1.69 -10.35 -4.99
CA SER C 54 -2.29 -9.24 -5.70
C SER C 54 -3.52 -8.92 -4.86
N GLY C 55 -4.15 -7.78 -5.09
CA GLY C 55 -5.35 -7.44 -4.35
C GLY C 55 -6.43 -8.40 -4.81
N GLN C 56 -7.07 -9.06 -3.83
CA GLN C 56 -8.13 -10.03 -4.11
C GLN C 56 -9.51 -9.45 -3.93
N ILE C 57 -10.31 -9.52 -5.00
CA ILE C 57 -11.68 -9.04 -4.97
C ILE C 57 -12.58 -10.25 -4.68
N PRO C 58 -13.81 -10.00 -4.18
CA PRO C 58 -14.73 -11.09 -3.81
C PRO C 58 -15.40 -11.87 -4.94
N VAL C 59 -14.61 -12.33 -5.90
CA VAL C 59 -15.15 -13.12 -6.99
C VAL C 59 -15.01 -14.56 -6.55
N ASN C 60 -16.08 -15.33 -6.76
CA ASN C 60 -16.08 -16.75 -6.40
C ASN C 60 -15.33 -17.42 -7.56
N PRO C 61 -14.19 -18.08 -7.27
CA PRO C 61 -13.42 -18.71 -8.35
C PRO C 61 -14.14 -19.79 -9.17
N ALA C 62 -15.12 -20.45 -8.59
CA ALA C 62 -15.86 -21.49 -9.32
C ALA C 62 -16.94 -20.94 -10.26
N THR C 63 -17.42 -19.74 -10.00
CA THR C 63 -18.48 -19.17 -10.85
C THR C 63 -18.15 -17.86 -11.55
N GLY C 64 -17.16 -17.14 -11.06
CA GLY C 64 -16.78 -15.85 -11.64
C GLY C 64 -17.74 -14.76 -11.17
N GLU C 65 -18.63 -15.10 -10.24
CA GLU C 65 -19.63 -14.15 -9.72
C GLU C 65 -19.27 -13.61 -8.33
N VAL C 66 -19.85 -12.46 -8.00
CA VAL C 66 -19.64 -11.78 -6.72
C VAL C 66 -20.90 -11.81 -5.87
N PRO C 67 -20.80 -12.27 -4.60
CA PRO C 67 -22.00 -12.29 -3.77
C PRO C 67 -22.50 -10.87 -3.52
N ALA C 68 -23.82 -10.72 -3.37
CA ALA C 68 -24.41 -9.41 -3.16
C ALA C 68 -24.11 -8.70 -1.83
N ASP C 69 -24.10 -9.45 -0.72
CA ASP C 69 -23.86 -8.85 0.60
C ASP C 69 -22.40 -8.70 0.98
N ILE C 70 -22.13 -7.67 1.77
CA ILE C 70 -20.77 -7.37 2.19
C ILE C 70 -20.14 -8.44 3.06
N ALA C 71 -20.91 -9.12 3.92
CA ALA C 71 -20.32 -10.16 4.76
C ALA C 71 -19.74 -11.27 3.89
N ALA C 72 -20.53 -11.70 2.91
CA ALA C 72 -20.13 -12.75 1.97
C ALA C 72 -18.94 -12.28 1.13
N GLN C 73 -18.95 -11.01 0.69
CA GLN C 73 -17.82 -10.51 -0.09
C GLN C 73 -16.53 -10.49 0.75
N ALA C 74 -16.63 -10.05 2.00
CA ALA C 74 -15.46 -10.01 2.86
C ALA C 74 -14.88 -11.40 3.03
N ARG C 75 -15.74 -12.38 3.29
CA ARG C 75 -15.26 -13.75 3.47
C ARG C 75 -14.66 -14.29 2.16
N GLN C 76 -15.29 -13.99 1.02
CA GLN C 76 -14.78 -14.47 -0.27
C GLN C 76 -13.38 -13.88 -0.57
N SER C 77 -13.19 -12.58 -0.34
N SER C 77 -13.22 -12.58 -0.30
CA SER C 77 -11.87 -11.98 -0.60
CA SER C 77 -11.95 -11.91 -0.53
C SER C 77 -10.84 -12.64 0.31
C SER C 77 -10.88 -12.56 0.32
N LEU C 78 -11.19 -12.82 1.59
CA LEU C 78 -10.28 -13.46 2.53
C LEU C 78 -9.94 -14.88 2.10
N ASP C 79 -10.93 -15.62 1.62
CA ASP C 79 -10.69 -16.99 1.14
C ASP C 79 -9.77 -16.96 -0.06
N ASN C 80 -9.94 -15.95 -0.92
CA ASN C 80 -9.09 -15.82 -2.10
C ASN C 80 -7.66 -15.53 -1.69
N VAL C 81 -7.47 -14.64 -0.71
CA VAL C 81 -6.13 -14.33 -0.20
C VAL C 81 -5.50 -15.62 0.31
N LYS C 82 -6.30 -16.37 1.07
CA LYS C 82 -5.86 -17.65 1.63
C LYS C 82 -5.37 -18.61 0.55
N ALA C 83 -6.15 -18.73 -0.52
CA ALA C 83 -5.79 -19.62 -1.62
C ALA C 83 -4.44 -19.26 -2.24
N VAL C 84 -4.21 -17.97 -2.45
CA VAL C 84 -2.94 -17.53 -3.04
C VAL C 84 -1.79 -17.81 -2.09
N VAL C 85 -1.97 -17.48 -0.81
CA VAL C 85 -0.93 -17.74 0.18
C VAL C 85 -0.65 -19.25 0.25
N GLU C 86 -1.71 -20.06 0.25
CA GLU C 86 -1.52 -21.53 0.32
C GLU C 86 -0.80 -22.12 -0.89
N ALA C 87 -0.94 -21.45 -2.04
CA ALA C 87 -0.29 -21.90 -3.27
C ALA C 87 1.23 -21.85 -3.12
N SER C 88 1.75 -21.03 -2.19
CA SER C 88 3.18 -20.93 -1.97
C SER C 88 3.69 -21.99 -0.98
N GLY C 89 2.75 -22.66 -0.31
CA GLY C 89 3.07 -23.67 0.68
C GLY C 89 2.93 -23.13 2.09
N LEU C 90 2.60 -21.84 2.21
CA LEU C 90 2.41 -21.18 3.51
C LEU C 90 0.95 -21.30 3.96
N THR C 91 0.67 -20.81 5.16
CA THR C 91 -0.67 -20.85 5.72
C THR C 91 -1.16 -19.47 6.11
N VAL C 92 -2.44 -19.39 6.48
CA VAL C 92 -3.06 -18.14 6.90
C VAL C 92 -2.28 -17.54 8.07
N GLY C 93 -1.76 -18.40 8.94
CA GLY C 93 -0.98 -18.00 10.10
C GLY C 93 0.35 -17.34 9.78
N ASP C 94 0.80 -17.46 8.52
CA ASP C 94 2.04 -16.86 8.05
C ASP C 94 1.82 -15.43 7.53
N ILE C 95 0.56 -15.01 7.46
CA ILE C 95 0.23 -13.64 6.97
C ILE C 95 0.64 -12.66 8.06
N VAL C 96 1.44 -11.65 7.70
CA VAL C 96 1.91 -10.65 8.68
C VAL C 96 1.36 -9.23 8.50
N LYS C 97 0.84 -8.95 7.32
CA LYS C 97 0.29 -7.63 7.03
C LYS C 97 -0.72 -7.69 5.92
N MET C 98 -1.80 -6.95 6.07
CA MET C 98 -2.77 -6.90 4.99
C MET C 98 -3.29 -5.50 4.85
N THR C 99 -3.70 -5.14 3.64
CA THR C 99 -4.26 -3.84 3.39
C THR C 99 -5.66 -4.13 2.91
N VAL C 100 -6.65 -3.51 3.56
CA VAL C 100 -8.05 -3.72 3.22
C VAL C 100 -8.64 -2.45 2.66
N PHE C 101 -9.06 -2.49 1.40
CA PHE C 101 -9.66 -1.37 0.73
C PHE C 101 -11.16 -1.67 0.72
N VAL C 102 -11.98 -0.75 1.20
CA VAL C 102 -13.42 -1.00 1.21
C VAL C 102 -14.11 0.13 0.48
N LYS C 103 -15.31 -0.15 0.01
N LYS C 103 -15.31 -0.15 -0.01
CA LYS C 103 -16.10 0.85 -0.71
CA LYS C 103 -16.11 0.85 -0.71
C LYS C 103 -16.94 1.69 0.26
C LYS C 103 -16.96 1.68 0.25
N ASP C 104 -17.25 1.15 1.43
CA ASP C 104 -18.07 1.88 2.40
C ASP C 104 -17.78 1.50 3.87
N LEU C 105 -17.16 2.42 4.59
CA LEU C 105 -16.86 2.19 6.02
C LEU C 105 -18.13 2.01 6.86
N ASN C 106 -19.31 2.33 6.34
CA ASN C 106 -20.53 2.06 7.11
C ASN C 106 -20.64 0.54 7.35
N ASP C 107 -19.97 -0.24 6.51
CA ASP C 107 -19.97 -1.71 6.64
C ASP C 107 -18.74 -2.20 7.40
N PHE C 108 -17.98 -1.29 8.00
CA PHE C 108 -16.76 -1.66 8.73
C PHE C 108 -17.02 -2.62 9.89
N GLY C 109 -18.13 -2.45 10.60
CA GLY C 109 -18.45 -3.36 11.71
C GLY C 109 -18.56 -4.79 11.20
N THR C 110 -19.33 -4.95 10.12
CA THR C 110 -19.53 -6.27 9.49
C THR C 110 -18.21 -6.83 8.95
N VAL C 111 -17.46 -6.01 8.21
CA VAL C 111 -16.16 -6.46 7.67
C VAL C 111 -15.20 -6.92 8.78
N ASN C 112 -15.05 -6.11 9.82
N ASN C 112 -15.11 -6.10 9.82
CA ASN C 112 -14.18 -6.50 10.95
CA ASN C 112 -14.22 -6.37 10.93
C ASN C 112 -14.61 -7.78 11.61
C ASN C 112 -14.62 -7.68 11.65
N GLU C 113 -15.93 -7.95 11.74
CA GLU C 113 -16.45 -9.16 12.38
C GLU C 113 -16.03 -10.38 11.54
N VAL C 114 -16.31 -10.33 10.24
CA VAL C 114 -15.95 -11.41 9.32
C VAL C 114 -14.42 -11.64 9.31
N TYR C 115 -13.67 -10.54 9.25
CA TYR C 115 -12.21 -10.56 9.22
C TYR C 115 -11.63 -11.24 10.47
N GLY C 116 -12.05 -10.79 11.65
CA GLY C 116 -11.56 -11.38 12.90
C GLY C 116 -11.91 -12.85 13.00
N ASN C 117 -13.16 -13.17 12.66
CA ASN C 117 -13.65 -14.55 12.68
C ASN C 117 -12.85 -15.46 11.75
N PHE C 118 -12.47 -14.94 10.60
CA PHE C 118 -11.68 -15.69 9.63
C PHE C 118 -10.36 -16.11 10.27
N PHE C 119 -9.63 -15.16 10.86
CA PHE C 119 -8.35 -15.51 11.50
C PHE C 119 -8.58 -16.43 12.70
N ASP C 120 -9.62 -16.17 13.49
CA ASP C 120 -9.91 -17.02 14.65
C ASP C 120 -10.15 -18.48 14.22
N GLU C 121 -10.96 -18.65 13.17
CA GLU C 121 -11.28 -19.97 12.65
C GLU C 121 -10.06 -20.70 12.09
N HIS C 122 -9.02 -19.94 11.73
CA HIS C 122 -7.78 -20.53 11.23
C HIS C 122 -6.76 -20.75 12.35
N ASN C 123 -7.19 -20.56 13.60
N ASN C 123 -7.20 -20.54 13.60
CA ASN C 123 -6.33 -20.77 14.78
CA ASN C 123 -6.38 -20.72 14.80
C ASN C 123 -4.95 -20.10 14.71
C ASN C 123 -4.99 -20.10 14.74
N VAL C 124 -4.90 -18.87 14.22
CA VAL C 124 -3.62 -18.17 14.11
C VAL C 124 -3.09 -17.75 15.47
N ALA C 125 -1.77 -17.62 15.58
CA ALA C 125 -1.14 -17.21 16.82
C ALA C 125 -1.43 -15.73 17.12
N HIS C 126 -1.54 -14.91 16.08
N HIS C 126 -1.50 -14.90 16.08
CA HIS C 126 -1.84 -13.49 16.23
CA HIS C 126 -1.78 -13.47 16.24
C HIS C 126 -2.44 -12.94 14.95
C HIS C 126 -2.41 -12.92 14.95
N TYR C 127 -3.12 -11.80 15.06
CA TYR C 127 -3.73 -11.20 13.88
C TYR C 127 -2.60 -10.45 13.19
N PRO C 128 -2.70 -10.26 11.88
CA PRO C 128 -1.61 -9.53 11.23
C PRO C 128 -1.71 -8.03 11.44
N ALA C 129 -0.69 -7.30 11.00
CA ALA C 129 -0.70 -5.85 11.08
C ALA C 129 -1.67 -5.51 9.94
N ARG C 130 -2.29 -4.33 9.99
N ARG C 130 -2.26 -4.32 9.94
CA ARG C 130 -3.26 -3.99 8.95
CA ARG C 130 -3.16 -4.00 8.84
C ARG C 130 -3.48 -2.49 8.72
C ARG C 130 -3.40 -2.50 8.68
N SER C 131 -3.92 -2.16 7.51
CA SER C 131 -4.26 -0.79 7.15
C SER C 131 -5.61 -0.95 6.50
N CYS C 132 -6.53 -0.03 6.75
N CYS C 132 -6.52 -0.02 6.77
CA CYS C 132 -7.86 -0.11 6.17
CA CYS C 132 -7.86 -0.06 6.22
C CYS C 132 -8.31 1.30 5.77
C CYS C 132 -8.28 1.33 5.77
N VAL C 133 -8.79 1.44 4.54
CA VAL C 133 -9.23 2.74 4.04
C VAL C 133 -10.41 2.55 3.12
N GLU C 134 -11.23 3.58 2.97
CA GLU C 134 -12.36 3.52 2.08
C GLU C 134 -11.86 4.18 0.77
N VAL C 135 -12.06 3.51 -0.36
CA VAL C 135 -11.65 4.03 -1.66
C VAL C 135 -12.91 4.51 -2.38
N ALA C 136 -12.75 5.23 -3.49
CA ALA C 136 -13.91 5.74 -4.25
C ALA C 136 -14.61 4.66 -5.05
N ARG C 137 -13.85 3.67 -5.52
CA ARG C 137 -14.42 2.59 -6.31
C ARG C 137 -13.41 1.47 -6.45
N LEU C 138 -13.92 0.26 -6.65
CA LEU C 138 -13.09 -0.94 -6.83
C LEU C 138 -13.45 -1.65 -8.13
N PRO C 139 -12.54 -2.51 -8.62
CA PRO C 139 -12.82 -3.23 -9.85
C PRO C 139 -14.13 -4.01 -9.73
N LYS C 140 -14.91 -4.03 -10.81
CA LYS C 140 -16.21 -4.72 -10.86
C LYS C 140 -17.21 -4.19 -9.84
N ASP C 141 -16.98 -2.98 -9.32
CA ASP C 141 -17.87 -2.37 -8.32
C ASP C 141 -18.06 -3.21 -7.06
N VAL C 142 -17.02 -3.97 -6.69
CA VAL C 142 -17.06 -4.80 -5.50
C VAL C 142 -16.95 -3.89 -4.27
N GLY C 143 -17.28 -4.44 -3.09
CA GLY C 143 -17.23 -3.66 -1.87
C GLY C 143 -15.96 -3.79 -1.05
N ILE C 144 -15.05 -4.66 -1.50
CA ILE C 144 -13.82 -4.85 -0.75
C ILE C 144 -12.75 -5.50 -1.63
N GLU C 145 -11.49 -5.19 -1.31
CA GLU C 145 -10.31 -5.72 -2.00
C GLU C 145 -9.22 -5.83 -0.92
N ILE C 146 -8.57 -6.98 -0.84
CA ILE C 146 -7.54 -7.21 0.15
C ILE C 146 -6.25 -7.78 -0.43
N GLU C 147 -5.12 -7.16 -0.05
CA GLU C 147 -3.82 -7.62 -0.51
C GLU C 147 -3.09 -8.05 0.76
N ALA C 148 -2.22 -9.04 0.65
CA ALA C 148 -1.50 -9.52 1.83
C ALA C 148 -0.03 -9.81 1.62
N ILE C 149 0.68 -9.85 2.75
CA ILE C 149 2.11 -10.15 2.80
C ILE C 149 2.25 -11.29 3.82
N ALA C 150 2.92 -12.36 3.42
CA ALA C 150 3.15 -13.51 4.29
C ALA C 150 4.64 -13.77 4.29
N VAL C 151 5.14 -14.38 5.36
CA VAL C 151 6.56 -14.67 5.47
C VAL C 151 6.78 -16.15 5.75
N ARG C 152 7.89 -16.68 5.26
CA ARG C 152 8.26 -18.08 5.45
C ARG C 152 9.37 -18.18 6.47
C1 GOL D . 4.90 -10.62 -21.25
O1 GOL D . 6.27 -10.37 -21.45
C2 GOL D . 4.71 -12.01 -20.65
O2 GOL D . 4.52 -12.94 -21.69
C3 GOL D . 3.51 -12.03 -19.71
O3 GOL D . 3.54 -13.22 -18.95
C1 GOL E . -8.81 1.57 -29.28
C1 GOL E . -10.23 1.98 -29.61
O1 GOL E . -7.62 2.22 -29.66
O1 GOL E . -10.49 2.92 -28.58
C2 GOL E . -8.47 0.32 -28.49
C2 GOL E . -9.60 0.72 -29.01
O2 GOL E . -7.38 0.57 -27.65
O2 GOL E . -8.91 1.06 -27.82
C3 GOL E . -8.13 -0.83 -29.43
C3 GOL E . -8.65 0.10 -30.01
O3 GOL E . -7.13 -1.63 -28.84
O3 GOL E . -8.23 -1.16 -29.55
C1 GOL F . -14.79 -0.21 -14.67
O1 GOL F . -15.48 -0.02 -15.89
C2 GOL F . -15.59 -1.18 -13.78
O2 GOL F . -15.42 -0.82 -12.42
C3 GOL F . -15.12 -2.60 -14.02
O3 GOL F . -13.87 -2.83 -13.38
CA CA G . -16.05 10.66 1.06
MG MG H . -9.89 21.07 1.06
C1 GOL I . 8.43 16.08 18.01
O1 GOL I . 9.25 15.58 16.98
C2 GOL I . 7.67 14.95 18.71
O2 GOL I . 7.97 13.68 18.17
C3 GOL I . 6.17 15.20 18.72
O3 GOL I . 5.68 15.55 17.45
C1 GOL J . 16.80 14.90 4.88
O1 GOL J . 17.35 15.26 3.64
C2 GOL J . 16.61 16.16 5.74
O2 GOL J . 17.86 16.80 5.90
C3 GOL J . 16.05 15.75 7.09
O3 GOL J . 16.26 16.77 8.04
C1 GOL K . -15.13 3.56 10.53
O1 GOL K . -14.29 3.53 11.66
C2 GOL K . -16.47 4.15 10.94
O2 GOL K . -16.24 5.25 11.79
C3 GOL K . -17.29 3.08 11.64
O3 GOL K . -18.46 3.63 12.18
C1 GOL L . -5.54 14.91 22.62
O1 GOL L . -4.47 14.90 21.71
C2 GOL L . -6.84 15.16 21.86
O2 GOL L . -6.84 14.32 20.73
C3 GOL L . -6.98 16.62 21.46
O3 GOL L . -8.34 16.98 21.41
CA CA M . -16.24 -14.27 16.95
C1 GOL N . -5.75 -13.42 19.13
O1 GOL N . -4.54 -13.25 18.44
C2 GOL N . -6.47 -14.67 18.63
O2 GOL N . -6.01 -15.79 19.35
C3 GOL N . -6.22 -14.90 17.15
O3 GOL N . -7.17 -15.81 16.66
C1 GOL O . -6.21 -0.47 11.29
O1 GOL O . -6.60 -1.41 10.33
C2 GOL O . -7.14 0.74 11.21
O2 GOL O . -6.83 1.46 10.04
C3 GOL O . -8.60 0.30 11.17
O3 GOL O . -8.86 -0.63 12.20
#